data_2OD2
#
_entry.id   2OD2
#
_cell.length_a   106.639
_cell.length_b   106.639
_cell.length_c   67.720
_cell.angle_alpha   90.00
_cell.angle_beta   90.00
_cell.angle_gamma   120.00
#
_symmetry.space_group_name_H-M   'P 32 2 1'
#
loop_
_entity.id
_entity.type
_entity.pdbx_description
1 polymer 'NAD-dependent deacetylase HST2'
2 polymer 'Acetylated H4 peptide'
3 non-polymer 'ZINC ION'
4 non-polymer CARBA-NICOTINAMIDE-ADENINE-DINUCLEOTIDE
5 non-polymer GLYCEROL
6 water water
#
loop_
_entity_poly.entity_id
_entity_poly.type
_entity_poly.pdbx_seq_one_letter_code
_entity_poly.pdbx_strand_id
1 'polypeptide(L)'
;MRGSHHHHHHGMASMSVSTASTEMSVRKIAAHMKSNPNAKVIFMVGAGISTSCGIPDFRSPGTGLYHNLARLKLPYPEAV
FDVDFFQSDPLPFYTLAKELYPGNFRPSKFHYLLKLFQDKDVLKRVYTQNFDTLERQAGVKDDLIIEAHGSFAHCHCIGC
GKVYPPQVFKSKLAEHPIKDFVKCDVCGELVKPAIVFFGEDLPDSFSETWLNDSEWLREKITTSGKHPQQPLVIVVGTSL
AVYPFASLPEEIPRKVKRVLCNLETVGDFKANKRPTDLIVHQYSDEFAEQLVEELGWQEDFEKILTAQ
;
A
2 'polypeptide(L)' KGGA(ALY)RHRKILTAQ B
#
loop_
_chem_comp.id
_chem_comp.type
_chem_comp.name
_chem_comp.formula
CNA non-polymer CARBA-NICOTINAMIDE-ADENINE-DINUCLEOTIDE 'C22 H30 N7 O13 P2 1'
GOL non-polymer GLYCEROL 'C3 H8 O3'
ZN non-polymer 'ZINC ION' 'Zn 2'
#
# COMPACT_ATOMS: atom_id res chain seq x y z
N MET A 12 1.75 1.28 18.75
CA MET A 12 3.21 1.19 18.49
C MET A 12 4.18 0.08 19.11
N ALA A 13 3.86 -0.53 20.27
CA ALA A 13 4.64 -1.76 20.73
C ALA A 13 4.46 -3.00 19.86
N SER A 14 5.55 -3.75 19.56
CA SER A 14 5.39 -5.04 18.90
C SER A 14 6.07 -6.24 19.55
N MET A 15 5.70 -7.42 19.12
CA MET A 15 6.32 -8.69 19.48
C MET A 15 6.53 -9.54 18.30
N SER A 16 7.48 -10.48 18.43
CA SER A 16 7.72 -11.45 17.45
C SER A 16 6.51 -12.41 17.22
N VAL A 17 6.28 -12.84 16.05
CA VAL A 17 5.24 -13.73 15.74
C VAL A 17 5.36 -15.16 16.34
N SER A 18 6.60 -15.68 16.52
CA SER A 18 6.74 -16.98 17.06
C SER A 18 8.00 -17.01 17.95
N THR A 19 8.25 -18.20 18.50
CA THR A 19 9.46 -18.39 19.30
C THR A 19 10.81 -18.22 18.57
N ALA A 20 10.84 -18.68 17.33
CA ALA A 20 11.95 -18.41 16.35
C ALA A 20 12.35 -16.95 16.29
N SER A 21 13.67 -16.66 16.40
CA SER A 21 14.19 -15.35 16.14
C SER A 21 14.44 -15.20 14.62
N THR A 22 14.16 -13.95 14.12
CA THR A 22 14.33 -13.54 12.70
C THR A 22 15.47 -12.47 12.74
N GLU A 23 16.03 -12.14 13.90
CA GLU A 23 17.14 -11.20 13.96
C GLU A 23 18.21 -11.55 12.94
N MET A 24 18.49 -12.85 12.67
CA MET A 24 19.63 -13.28 11.77
C MET A 24 19.33 -13.10 10.29
N SER A 25 18.15 -13.54 9.85
CA SER A 25 17.76 -13.17 8.52
C SER A 25 17.88 -11.62 8.33
N VAL A 26 17.52 -10.85 9.36
CA VAL A 26 17.30 -9.40 9.17
C VAL A 26 18.67 -8.78 9.08
N ARG A 27 19.55 -9.30 9.95
CA ARG A 27 20.99 -9.02 9.82
C ARG A 27 21.60 -9.33 8.40
N LYS A 28 21.16 -10.34 7.63
CA LYS A 28 21.61 -10.45 6.23
C LYS A 28 21.30 -9.18 5.34
N ILE A 29 20.12 -8.53 5.65
CA ILE A 29 19.58 -7.39 4.92
C ILE A 29 20.39 -6.13 5.22
N ALA A 30 20.58 -5.93 6.50
CA ALA A 30 21.48 -4.91 6.91
C ALA A 30 22.92 -5.17 6.38
N ALA A 31 23.24 -6.41 6.06
CA ALA A 31 24.66 -6.66 5.73
C ALA A 31 24.84 -6.25 4.22
N HIS A 32 23.79 -6.48 3.45
CA HIS A 32 23.78 -6.12 2.07
C HIS A 32 23.79 -4.61 1.88
N MET A 33 23.21 -3.80 2.78
CA MET A 33 23.23 -2.31 2.67
C MET A 33 24.50 -1.67 3.17
N LYS A 34 25.11 -2.25 4.20
CA LYS A 34 26.47 -1.84 4.67
C LYS A 34 27.56 -2.09 3.53
N SER A 35 27.50 -3.21 2.81
CA SER A 35 28.35 -3.50 1.61
C SER A 35 28.10 -2.60 0.36
N ASN A 36 26.87 -2.07 0.17
CA ASN A 36 26.50 -1.19 -0.97
C ASN A 36 25.87 0.17 -0.50
N PRO A 37 26.66 1.00 0.15
CA PRO A 37 26.10 2.14 0.89
C PRO A 37 25.35 3.32 0.15
N ASN A 38 25.51 3.49 -1.18
CA ASN A 38 24.77 4.51 -2.05
C ASN A 38 23.66 3.83 -2.99
N ALA A 39 23.49 2.54 -2.73
CA ALA A 39 22.45 1.76 -3.33
C ALA A 39 21.16 2.15 -2.51
N LYS A 40 20.03 1.95 -3.17
CA LYS A 40 18.67 2.29 -2.68
C LYS A 40 17.77 1.01 -2.71
N VAL A 41 16.53 1.11 -2.19
CA VAL A 41 15.69 0.01 -1.98
C VAL A 41 14.33 0.48 -2.62
N ILE A 42 13.75 -0.38 -3.38
CA ILE A 42 12.27 -0.35 -3.76
C ILE A 42 11.35 -1.22 -2.86
N PHE A 43 10.25 -0.67 -2.29
CA PHE A 43 9.41 -1.41 -1.38
C PHE A 43 8.09 -1.65 -2.23
N MET A 44 7.46 -2.75 -1.93
CA MET A 44 6.18 -3.07 -2.59
C MET A 44 5.32 -3.57 -1.46
N VAL A 45 4.25 -2.85 -1.07
CA VAL A 45 3.55 -3.11 0.19
C VAL A 45 2.04 -3.29 -0.03
N GLY A 46 1.42 -3.95 0.95
CA GLY A 46 -0.12 -4.01 0.99
C GLY A 46 -0.70 -3.88 2.33
N ALA A 47 -1.96 -4.40 2.56
CA ALA A 47 -2.71 -4.14 3.81
C ALA A 47 -2.15 -4.62 5.15
N GLY A 48 -1.31 -5.62 5.10
CA GLY A 48 -0.48 -6.08 6.25
C GLY A 48 0.20 -4.94 6.99
N ILE A 49 0.86 -4.01 6.32
CA ILE A 49 1.55 -2.83 6.98
C ILE A 49 0.75 -1.77 7.73
N SER A 50 -0.62 -1.79 7.49
CA SER A 50 -1.58 -0.92 8.11
C SER A 50 -2.50 -1.59 9.17
N THR A 51 -2.30 -2.90 9.43
CA THR A 51 -3.10 -3.66 10.38
C THR A 51 -2.94 -3.18 11.82
N SER A 52 -1.71 -2.77 12.18
CA SER A 52 -1.39 -2.30 13.52
C SER A 52 -1.90 -0.89 13.75
N CYS A 53 -2.39 -0.22 12.72
CA CYS A 53 -2.98 1.07 12.86
C CYS A 53 -4.49 1.01 13.23
N GLY A 54 -5.02 -0.18 13.26
CA GLY A 54 -6.44 -0.37 13.65
C GLY A 54 -7.45 -0.11 12.45
N ILE A 55 -7.03 -0.17 11.19
CA ILE A 55 -7.88 0.07 10.03
C ILE A 55 -8.77 -1.24 9.95
N PRO A 56 -10.12 -1.05 10.08
CA PRO A 56 -10.96 -2.23 10.09
C PRO A 56 -10.96 -2.86 8.66
N ASP A 57 -10.96 -4.17 8.51
CA ASP A 57 -10.99 -4.83 7.21
C ASP A 57 -12.54 -5.02 6.90
N PHE A 58 -12.96 -4.45 5.80
CA PHE A 58 -14.35 -4.51 5.26
C PHE A 58 -14.79 -6.02 4.95
N ARG A 59 -13.79 -6.91 4.74
CA ARG A 59 -14.06 -8.38 4.51
C ARG A 59 -14.25 -9.22 5.79
N SER A 60 -13.87 -8.63 6.92
CA SER A 60 -13.96 -9.32 8.18
C SER A 60 -15.24 -9.13 9.07
N PRO A 61 -15.93 -10.25 9.37
CA PRO A 61 -17.10 -10.17 10.21
C PRO A 61 -16.66 -9.75 11.59
N GLY A 62 -17.48 -9.39 12.45
CA GLY A 62 -16.53 -8.89 13.56
C GLY A 62 -15.94 -7.42 13.60
N THR A 63 -15.85 -6.75 12.45
CA THR A 63 -15.72 -5.31 12.36
C THR A 63 -17.17 -4.66 12.32
N GLY A 64 -17.37 -3.51 12.93
CA GLY A 64 -18.52 -2.65 12.77
C GLY A 64 -18.78 -2.31 11.26
N LEU A 65 -17.75 -2.04 10.42
CA LEU A 65 -17.95 -1.82 9.02
C LEU A 65 -18.68 -2.97 8.24
N TYR A 66 -18.20 -4.21 8.46
CA TYR A 66 -18.69 -5.36 7.83
C TYR A 66 -20.18 -5.45 8.16
N HIS A 67 -20.55 -5.26 9.38
CA HIS A 67 -21.97 -5.44 9.75
C HIS A 67 -22.90 -4.29 9.26
N ASN A 68 -22.39 -3.06 9.16
CA ASN A 68 -23.13 -1.97 8.61
C ASN A 68 -23.35 -2.23 7.09
N LEU A 69 -22.38 -2.77 6.34
CA LEU A 69 -22.43 -3.00 4.90
C LEU A 69 -23.43 -4.16 4.68
N ALA A 70 -23.41 -5.15 5.55
CA ALA A 70 -24.33 -6.31 5.40
C ALA A 70 -25.79 -5.80 5.63
N ARG A 71 -26.04 -5.07 6.72
CA ARG A 71 -27.32 -4.41 7.00
C ARG A 71 -27.85 -3.64 5.76
N LEU A 72 -26.93 -2.95 5.04
CA LEU A 72 -27.28 -2.17 3.87
C LEU A 72 -27.56 -3.05 2.60
N LYS A 73 -27.49 -4.38 2.69
CA LYS A 73 -27.68 -5.27 1.52
C LYS A 73 -26.56 -5.41 0.53
N LEU A 74 -25.36 -4.92 0.88
CA LEU A 74 -24.24 -5.19 0.06
C LEU A 74 -24.27 -6.73 -0.14
N PRO A 75 -24.22 -7.19 -1.41
CA PRO A 75 -24.29 -8.68 -1.64
C PRO A 75 -23.06 -9.50 -1.20
N TYR A 76 -21.92 -8.81 -1.27
CA TYR A 76 -20.57 -9.42 -0.93
C TYR A 76 -19.58 -8.25 -0.80
N PRO A 77 -18.49 -8.41 -0.01
CA PRO A 77 -17.65 -7.22 0.32
C PRO A 77 -17.08 -6.45 -0.88
N GLU A 78 -16.41 -7.14 -1.78
CA GLU A 78 -15.83 -6.43 -2.87
C GLU A 78 -16.87 -5.68 -3.90
N ALA A 79 -18.16 -5.83 -3.68
CA ALA A 79 -19.10 -5.09 -4.54
C ALA A 79 -18.96 -3.61 -4.24
N VAL A 80 -18.32 -3.28 -3.07
CA VAL A 80 -18.30 -1.92 -2.64
C VAL A 80 -17.33 -1.14 -3.56
N PHE A 81 -16.39 -1.89 -4.19
CA PHE A 81 -15.46 -1.43 -5.20
C PHE A 81 -15.81 -1.90 -6.62
N ASP A 82 -17.06 -1.86 -6.89
CA ASP A 82 -17.56 -2.32 -8.25
C ASP A 82 -18.45 -1.20 -8.91
N VAL A 83 -18.09 -0.80 -10.11
CA VAL A 83 -18.59 0.50 -10.58
C VAL A 83 -20.09 0.33 -10.83
N ASP A 84 -20.48 -0.82 -11.42
CA ASP A 84 -21.91 -1.04 -11.72
C ASP A 84 -22.74 -1.09 -10.50
N PHE A 85 -22.25 -1.76 -9.41
CA PHE A 85 -22.98 -1.66 -8.14
C PHE A 85 -23.08 -0.22 -7.55
N PHE A 86 -21.96 0.51 -7.48
CA PHE A 86 -21.98 1.82 -6.94
C PHE A 86 -23.06 2.69 -7.69
N GLN A 87 -23.08 2.56 -9.04
CA GLN A 87 -24.03 3.36 -9.86
C GLN A 87 -25.48 3.09 -9.51
N SER A 88 -25.78 1.82 -9.19
CA SER A 88 -27.08 1.33 -8.73
C SER A 88 -27.42 1.79 -7.31
N ASP A 89 -26.36 1.93 -6.49
CA ASP A 89 -26.62 2.21 -5.08
C ASP A 89 -25.24 2.64 -4.36
N PRO A 90 -25.08 3.94 -4.26
CA PRO A 90 -23.79 4.48 -3.72
C PRO A 90 -23.62 4.52 -2.18
N LEU A 91 -24.64 4.10 -1.46
CA LEU A 91 -24.64 4.28 0.00
C LEU A 91 -23.57 3.36 0.72
N PRO A 92 -23.48 2.09 0.36
CA PRO A 92 -22.43 1.17 0.96
C PRO A 92 -21.06 1.85 0.78
N PHE A 93 -20.79 2.34 -0.39
CA PHE A 93 -19.42 3.01 -0.65
C PHE A 93 -19.24 4.19 0.22
N TYR A 94 -20.23 5.08 0.21
CA TYR A 94 -20.20 6.29 1.13
C TYR A 94 -20.00 6.00 2.68
N THR A 95 -20.72 4.99 3.22
CA THR A 95 -20.53 4.46 4.52
C THR A 95 -19.05 3.91 4.76
N LEU A 96 -18.51 3.11 3.94
CA LEU A 96 -17.10 2.75 3.96
C LEU A 96 -16.18 3.97 4.02
N ALA A 97 -16.47 4.95 3.19
CA ALA A 97 -15.61 6.17 3.12
C ALA A 97 -15.61 7.00 4.40
N LYS A 98 -16.72 6.98 5.08
CA LYS A 98 -16.96 7.76 6.22
C LYS A 98 -16.12 7.13 7.33
N GLU A 99 -16.12 5.83 7.35
CA GLU A 99 -15.24 5.11 8.36
C GLU A 99 -13.66 5.09 7.98
N LEU A 100 -13.26 5.06 6.71
CA LEU A 100 -11.86 4.89 6.28
C LEU A 100 -11.12 6.17 5.91
N TYR A 101 -11.85 7.29 5.91
CA TYR A 101 -11.36 8.45 5.28
C TYR A 101 -10.04 8.95 6.00
N PRO A 102 -9.06 9.40 5.26
CA PRO A 102 -7.76 9.76 5.88
C PRO A 102 -7.98 10.75 6.87
N GLY A 103 -7.21 10.50 7.90
CA GLY A 103 -7.21 11.44 8.95
C GLY A 103 -7.85 10.84 10.16
N ASN A 104 -8.34 9.64 9.96
CA ASN A 104 -8.99 8.98 11.08
C ASN A 104 -7.98 7.93 11.75
N PHE A 105 -6.80 7.72 11.17
CA PHE A 105 -5.83 6.81 11.75
C PHE A 105 -4.46 7.50 11.77
N ARG A 106 -3.54 6.82 12.43
CA ARG A 106 -2.13 7.31 12.43
C ARG A 106 -1.14 6.28 11.87
N PRO A 107 -0.03 6.72 11.28
CA PRO A 107 0.92 5.81 10.73
C PRO A 107 1.62 4.86 11.71
N SER A 108 1.94 3.67 11.25
CA SER A 108 2.64 2.63 12.04
C SER A 108 4.21 2.95 12.06
N LYS A 109 4.84 2.20 12.94
CA LYS A 109 6.30 2.21 13.04
C LYS A 109 6.92 1.79 11.64
N PHE A 110 6.32 0.85 10.88
CA PHE A 110 6.73 0.53 9.52
C PHE A 110 6.64 1.71 8.53
N HIS A 111 5.53 2.49 8.59
CA HIS A 111 5.38 3.64 7.77
C HIS A 111 6.57 4.70 8.08
N TYR A 112 6.86 4.86 9.37
CA TYR A 112 7.93 5.77 9.77
C TYR A 112 9.36 5.25 9.34
N LEU A 113 9.51 3.93 9.15
CA LEU A 113 10.77 3.33 8.57
C LEU A 113 11.05 3.82 7.12
N LEU A 114 9.95 3.97 6.35
CA LEU A 114 10.07 4.46 5.03
C LEU A 114 10.56 5.90 5.16
N LYS A 115 9.95 6.74 6.00
CA LYS A 115 10.40 8.09 6.11
C LYS A 115 11.90 8.15 6.60
N LEU A 116 12.28 7.31 7.53
CA LEU A 116 13.77 7.23 7.86
C LEU A 116 14.68 6.93 6.63
N PHE A 117 14.21 6.07 5.72
CA PHE A 117 15.02 5.54 4.60
C PHE A 117 15.14 6.71 3.62
N GLN A 118 14.05 7.47 3.40
CA GLN A 118 14.13 8.77 2.70
C GLN A 118 15.10 9.83 3.31
N ASP A 119 14.99 10.14 4.59
CA ASP A 119 15.97 10.99 5.30
C ASP A 119 17.46 10.49 5.07
N LYS A 120 17.71 9.19 4.98
CA LYS A 120 19.10 8.71 4.70
C LYS A 120 19.44 8.61 3.25
N ASP A 121 18.54 9.13 2.34
CA ASP A 121 18.54 8.96 0.87
C ASP A 121 18.76 7.48 0.48
N VAL A 122 18.19 6.47 1.14
CA VAL A 122 18.14 5.11 0.54
C VAL A 122 16.80 4.58 0.03
N LEU A 123 15.87 5.49 -0.25
CA LEU A 123 14.52 5.12 -0.81
C LEU A 123 14.44 5.53 -2.23
N LYS A 124 14.44 4.57 -3.14
CA LYS A 124 14.17 4.74 -4.54
C LYS A 124 12.65 4.97 -4.84
N ARG A 125 11.79 4.10 -4.30
CA ARG A 125 10.28 4.29 -4.52
C ARG A 125 9.53 3.28 -3.58
N VAL A 126 8.30 3.67 -3.17
CA VAL A 126 7.43 2.69 -2.51
C VAL A 126 6.25 2.49 -3.45
N TYR A 127 5.94 1.31 -3.80
CA TYR A 127 4.67 0.96 -4.55
C TYR A 127 3.69 0.44 -3.48
N THR A 128 2.47 1.01 -3.34
CA THR A 128 1.49 0.55 -2.43
C THR A 128 0.05 0.20 -3.02
N GLN A 129 -0.49 -0.92 -2.56
CA GLN A 129 -1.84 -1.30 -2.84
C GLN A 129 -2.86 -0.60 -1.94
N ASN A 130 -2.43 0.02 -0.83
CA ASN A 130 -3.38 0.63 0.19
C ASN A 130 -3.84 2.01 -0.31
N PHE A 131 -5.08 2.36 0.03
CA PHE A 131 -5.81 3.61 -0.18
C PHE A 131 -6.10 4.28 1.16
N ASP A 132 -5.65 3.72 2.35
CA ASP A 132 -5.05 4.82 3.42
C ASP A 132 -4.26 6.08 3.31
N THR A 133 -3.29 6.07 2.38
CA THR A 133 -2.23 7.20 2.20
C THR A 133 -1.42 7.44 3.48
N LEU A 134 -1.26 6.45 4.23
CA LEU A 134 -0.37 6.56 5.48
C LEU A 134 1.10 6.78 5.15
N GLU A 135 1.53 6.43 3.95
CA GLU A 135 2.95 6.68 3.55
C GLU A 135 3.14 8.15 3.42
N ARG A 136 2.28 8.78 2.64
CA ARG A 136 2.29 10.21 2.58
C ARG A 136 2.04 10.95 3.84
N GLN A 137 1.07 10.50 4.65
CA GLN A 137 0.78 11.19 5.94
C GLN A 137 2.05 11.15 6.84
N ALA A 138 2.80 10.13 6.71
CA ALA A 138 3.94 9.96 7.52
C ALA A 138 5.18 10.88 7.06
N GLY A 139 4.98 11.58 6.00
CA GLY A 139 5.95 12.46 5.34
C GLY A 139 6.83 11.91 4.18
N VAL A 140 6.53 10.72 3.59
CA VAL A 140 7.15 10.26 2.34
C VAL A 140 6.80 11.23 1.25
N LYS A 141 7.83 11.73 0.54
CA LYS A 141 7.59 12.62 -0.62
C LYS A 141 6.72 12.08 -1.79
N ASP A 142 5.95 12.99 -2.34
CA ASP A 142 5.16 12.70 -3.57
C ASP A 142 5.87 11.95 -4.69
N ASP A 143 7.09 12.40 -5.04
CA ASP A 143 7.88 11.80 -6.15
C ASP A 143 8.28 10.31 -5.81
N LEU A 144 8.42 9.91 -4.53
CA LEU A 144 8.74 8.57 -4.19
C LEU A 144 7.62 7.56 -4.01
N ILE A 145 6.37 8.01 -4.08
CA ILE A 145 5.19 7.17 -3.84
C ILE A 145 4.47 6.85 -5.12
N ILE A 146 4.04 5.60 -5.27
CA ILE A 146 3.06 5.21 -6.27
C ILE A 146 1.88 4.50 -5.62
N GLU A 147 0.75 5.17 -5.63
CA GLU A 147 -0.53 4.68 -5.01
C GLU A 147 -1.17 3.98 -6.11
N ALA A 148 -0.88 2.72 -6.17
CA ALA A 148 -1.30 1.93 -7.39
C ALA A 148 -2.85 1.75 -7.52
N HIS A 149 -3.52 1.76 -6.37
CA HIS A 149 -5.03 1.74 -6.33
C HIS A 149 -5.70 3.04 -5.97
N GLY A 150 -5.02 4.15 -6.17
CA GLY A 150 -5.65 5.45 -6.08
C GLY A 150 -5.76 5.91 -4.61
N SER A 151 -6.57 6.94 -4.34
CA SER A 151 -6.75 7.47 -2.97
C SER A 151 -8.00 8.38 -3.02
N PHE A 152 -8.38 8.90 -1.89
CA PHE A 152 -9.34 9.95 -1.79
C PHE A 152 -9.00 11.42 -2.19
N ALA A 153 -7.75 11.70 -2.55
CA ALA A 153 -7.19 13.04 -2.62
C ALA A 153 -7.61 13.69 -3.97
N HIS A 154 -8.17 12.90 -4.90
CA HIS A 154 -8.76 13.45 -6.18
C HIS A 154 -10.19 12.85 -6.38
N CYS A 155 -11.04 13.57 -7.12
CA CYS A 155 -12.37 13.07 -7.41
C CYS A 155 -12.76 13.45 -8.89
N HIS A 156 -13.56 12.58 -9.51
CA HIS A 156 -13.90 12.85 -10.89
C HIS A 156 -15.34 12.26 -11.19
N CYS A 157 -15.99 12.86 -12.21
CA CYS A 157 -17.31 12.46 -12.70
C CYS A 157 -17.08 11.11 -13.48
N ILE A 158 -17.85 10.10 -13.11
CA ILE A 158 -17.63 8.72 -13.69
C ILE A 158 -18.13 8.66 -15.14
N GLY A 159 -18.87 9.69 -15.50
CA GLY A 159 -19.58 9.84 -16.80
C GLY A 159 -18.84 10.73 -17.82
N CYS A 160 -18.38 11.96 -17.44
CA CYS A 160 -17.52 12.82 -18.30
C CYS A 160 -16.03 13.10 -18.01
N GLY A 161 -15.59 12.71 -16.81
CA GLY A 161 -14.32 12.96 -16.24
C GLY A 161 -14.17 14.30 -15.64
N LYS A 162 -15.22 15.13 -15.60
CA LYS A 162 -14.97 16.44 -15.01
C LYS A 162 -14.36 16.28 -13.62
N VAL A 163 -13.36 17.13 -13.33
CA VAL A 163 -12.65 17.22 -11.98
C VAL A 163 -13.42 17.94 -10.89
N TYR A 164 -13.31 17.43 -9.64
CA TYR A 164 -14.01 18.03 -8.46
C TYR A 164 -12.94 17.98 -7.31
N PRO A 165 -12.91 19.03 -6.50
CA PRO A 165 -12.10 19.01 -5.26
C PRO A 165 -12.63 17.92 -4.38
N PRO A 166 -11.69 17.27 -3.61
CA PRO A 166 -12.08 16.14 -2.73
C PRO A 166 -12.96 16.52 -1.58
N GLN A 167 -12.91 17.81 -1.23
CA GLN A 167 -13.71 18.32 -0.17
C GLN A 167 -15.22 18.24 -0.42
N VAL A 168 -15.68 18.19 -1.72
CA VAL A 168 -17.16 18.21 -1.96
C VAL A 168 -17.73 16.83 -1.56
N PHE A 169 -16.94 15.76 -1.83
CA PHE A 169 -17.38 14.42 -1.40
C PHE A 169 -17.25 14.26 0.09
N LYS A 170 -16.11 14.76 0.61
CA LYS A 170 -15.96 14.74 2.06
C LYS A 170 -17.13 15.30 2.82
N SER A 171 -17.63 16.42 2.36
CA SER A 171 -18.62 17.18 3.22
C SER A 171 -19.90 16.41 3.35
N LYS A 172 -20.21 15.62 2.30
CA LYS A 172 -21.36 14.66 2.42
C LYS A 172 -21.36 13.58 3.55
N LEU A 173 -20.18 13.07 3.86
CA LEU A 173 -19.99 12.06 4.89
C LEU A 173 -20.23 12.49 6.33
N ALA A 174 -20.21 13.81 6.57
CA ALA A 174 -20.54 14.32 7.89
C ALA A 174 -22.06 14.53 8.18
N GLU A 175 -22.93 14.03 7.30
CA GLU A 175 -24.41 14.26 7.35
C GLU A 175 -25.16 13.06 7.95
N HIS A 176 -26.26 13.31 8.71
CA HIS A 176 -27.07 12.26 9.42
C HIS A 176 -28.60 12.35 8.94
N PRO A 177 -29.07 11.33 8.17
CA PRO A 177 -28.23 10.19 7.66
C PRO A 177 -27.42 10.63 6.38
N ILE A 178 -26.60 9.75 5.80
CA ILE A 178 -25.97 10.15 4.54
C ILE A 178 -27.12 9.95 3.47
N LYS A 179 -27.43 11.02 2.73
CA LYS A 179 -28.25 11.01 1.49
C LYS A 179 -27.85 12.14 0.42
N ASP A 180 -28.46 12.16 -0.75
CA ASP A 180 -28.15 13.30 -1.68
C ASP A 180 -26.56 13.28 -1.97
N PHE A 181 -26.21 12.26 -2.75
CA PHE A 181 -24.89 11.99 -3.21
C PHE A 181 -24.37 12.99 -4.22
N VAL A 182 -23.01 13.21 -4.31
CA VAL A 182 -22.47 14.14 -5.28
C VAL A 182 -22.79 13.71 -6.74
N LYS A 183 -23.34 14.68 -7.43
CA LYS A 183 -23.62 14.51 -8.88
C LYS A 183 -23.09 15.62 -9.75
N CYS A 184 -22.67 15.31 -10.95
CA CYS A 184 -21.88 16.19 -11.76
C CYS A 184 -22.82 17.26 -12.35
N ASP A 185 -22.40 18.54 -12.23
CA ASP A 185 -23.10 19.64 -12.85
C ASP A 185 -23.01 19.86 -14.35
N VAL A 186 -22.35 18.99 -15.09
CA VAL A 186 -22.27 19.02 -16.52
C VAL A 186 -23.16 17.78 -17.02
N CYS A 187 -22.78 16.55 -16.65
CA CYS A 187 -23.57 15.36 -17.16
C CYS A 187 -24.64 14.74 -16.30
N GLY A 188 -24.67 15.07 -15.01
CA GLY A 188 -25.59 14.39 -13.99
C GLY A 188 -25.13 13.02 -13.35
N GLU A 189 -24.05 12.37 -13.78
CA GLU A 189 -23.63 11.09 -13.21
C GLU A 189 -22.90 11.33 -11.83
N LEU A 190 -22.63 10.22 -11.14
CA LEU A 190 -22.11 10.25 -9.80
C LEU A 190 -20.67 10.68 -9.91
N VAL A 191 -20.23 11.38 -8.86
CA VAL A 191 -18.82 11.78 -8.83
C VAL A 191 -18.26 10.73 -7.83
N LYS A 192 -17.16 10.05 -8.18
CA LYS A 192 -16.49 9.32 -7.05
C LYS A 192 -14.97 9.68 -6.86
N PRO A 193 -14.37 9.38 -5.67
CA PRO A 193 -12.91 9.47 -5.37
C PRO A 193 -12.10 8.72 -6.38
N ALA A 194 -10.87 9.14 -6.67
CA ALA A 194 -10.00 8.36 -7.49
C ALA A 194 -9.43 7.10 -6.91
N ILE A 195 -10.31 6.27 -6.29
CA ILE A 195 -9.97 4.91 -5.88
C ILE A 195 -10.24 3.93 -7.09
N VAL A 196 -9.24 3.16 -7.46
CA VAL A 196 -9.28 2.14 -8.52
C VAL A 196 -10.21 1.07 -8.01
N PHE A 197 -11.34 0.98 -8.68
CA PHE A 197 -12.27 -0.12 -8.35
C PHE A 197 -11.97 -1.45 -9.17
N PHE A 198 -12.48 -2.62 -8.77
CA PHE A 198 -12.22 -3.89 -9.52
C PHE A 198 -12.80 -3.64 -10.88
N GLY A 199 -12.08 -4.04 -11.87
CA GLY A 199 -12.53 -3.93 -13.25
C GLY A 199 -12.05 -2.63 -13.93
N GLU A 200 -11.50 -1.63 -13.22
CA GLU A 200 -10.83 -0.47 -13.90
C GLU A 200 -9.34 -0.56 -14.05
N ASP A 201 -8.85 0.21 -14.98
CA ASP A 201 -7.40 0.18 -15.10
C ASP A 201 -6.79 0.99 -13.98
N LEU A 202 -5.50 0.63 -13.74
CA LEU A 202 -4.69 1.47 -12.77
C LEU A 202 -4.31 2.93 -13.35
N PRO A 203 -3.93 3.95 -12.53
CA PRO A 203 -3.48 5.18 -13.12
C PRO A 203 -2.18 4.86 -14.00
N ASP A 204 -2.05 5.68 -15.07
CA ASP A 204 -0.92 5.57 -16.01
C ASP A 204 0.47 5.69 -15.31
N SER A 205 0.59 6.51 -14.28
CA SER A 205 1.87 6.59 -13.59
C SER A 205 2.39 5.25 -12.98
N PHE A 206 1.50 4.26 -12.82
CA PHE A 206 1.84 2.94 -12.27
C PHE A 206 2.78 2.29 -13.26
N SER A 207 2.23 2.02 -14.42
CA SER A 207 3.06 1.32 -15.50
C SER A 207 4.29 2.11 -15.93
N GLU A 208 4.09 3.44 -16.01
CA GLU A 208 5.12 4.36 -16.56
C GLU A 208 6.35 4.37 -15.57
N THR A 209 6.11 4.41 -14.27
CA THR A 209 7.17 4.47 -13.28
C THR A 209 7.74 3.06 -13.14
N TRP A 210 6.97 1.96 -13.31
CA TRP A 210 7.60 0.69 -13.13
C TRP A 210 8.57 0.40 -14.34
N LEU A 211 8.16 0.94 -15.46
CA LEU A 211 8.98 0.89 -16.68
C LEU A 211 10.38 1.54 -16.37
N ASN A 212 10.44 2.78 -15.88
CA ASN A 212 11.71 3.52 -15.48
C ASN A 212 12.51 2.79 -14.37
N ASP A 213 11.82 2.21 -13.36
CA ASP A 213 12.41 1.56 -12.26
C ASP A 213 12.89 0.12 -12.65
N SER A 214 12.21 -0.57 -13.56
CA SER A 214 12.67 -1.86 -14.12
C SER A 214 14.04 -1.64 -14.90
N GLU A 215 14.07 -0.52 -15.67
CA GLU A 215 15.25 -0.18 -16.44
C GLU A 215 16.39 0.20 -15.42
N TRP A 216 16.07 0.88 -14.32
CA TRP A 216 17.04 1.26 -13.30
C TRP A 216 17.62 0.03 -12.59
N LEU A 217 16.76 -0.95 -12.33
CA LEU A 217 17.17 -2.19 -11.67
C LEU A 217 18.19 -2.96 -12.59
N ARG A 218 17.82 -3.23 -13.82
CA ARG A 218 18.79 -3.86 -14.75
C ARG A 218 20.15 -3.11 -14.79
N GLU A 219 20.14 -1.78 -14.81
CA GLU A 219 21.40 -1.07 -15.15
C GLU A 219 22.41 -1.03 -13.97
N LYS A 220 21.90 -1.30 -12.79
CA LYS A 220 22.70 -1.27 -11.56
C LYS A 220 23.47 -2.62 -11.41
N ILE A 221 22.93 -3.69 -12.02
CA ILE A 221 23.57 -5.00 -11.88
C ILE A 221 24.84 -5.11 -12.71
N THR A 222 24.97 -4.18 -13.66
CA THR A 222 26.13 -4.03 -14.53
C THR A 222 26.80 -2.56 -14.30
N THR A 223 27.48 -2.39 -13.13
CA THR A 223 28.31 -1.18 -12.83
C THR A 223 29.81 -1.49 -13.18
N GLN A 229 25.40 1.01 -6.77
CA GLN A 229 25.87 -0.40 -6.54
C GLN A 229 24.66 -1.23 -6.17
N GLN A 230 24.79 -2.47 -5.70
CA GLN A 230 23.65 -3.43 -5.95
C GLN A 230 22.25 -3.09 -5.18
N PRO A 231 21.09 -3.04 -5.90
CA PRO A 231 19.84 -2.57 -5.30
C PRO A 231 19.11 -3.74 -4.62
N LEU A 232 18.05 -3.41 -3.82
CA LEU A 232 17.30 -4.40 -3.02
C LEU A 232 15.87 -4.00 -3.26
N VAL A 233 15.01 -5.02 -3.48
CA VAL A 233 13.53 -4.83 -3.51
C VAL A 233 12.91 -5.65 -2.30
N ILE A 234 12.12 -5.00 -1.43
CA ILE A 234 11.56 -5.69 -0.26
C ILE A 234 10.01 -5.60 -0.36
N VAL A 235 9.34 -6.75 -0.37
CA VAL A 235 7.87 -6.87 -0.53
C VAL A 235 7.39 -7.15 0.90
N VAL A 236 6.34 -6.43 1.39
CA VAL A 236 5.88 -6.52 2.76
C VAL A 236 4.31 -6.42 2.86
N GLY A 237 3.74 -7.35 3.59
CA GLY A 237 2.36 -7.32 4.11
C GLY A 237 1.45 -7.39 2.95
N THR A 238 1.72 -8.24 1.97
CA THR A 238 0.75 -8.45 0.88
C THR A 238 0.62 -9.95 0.51
N SER A 239 -0.62 -10.40 0.15
CA SER A 239 -0.90 -11.72 -0.32
C SER A 239 -0.58 -11.96 -1.84
N LEU A 240 -0.29 -10.89 -2.59
CA LEU A 240 0.09 -10.91 -4.01
C LEU A 240 -1.00 -11.68 -4.71
N ALA A 241 -2.24 -11.24 -4.55
CA ALA A 241 -3.38 -11.89 -5.23
C ALA A 241 -4.18 -11.04 -6.08
N VAL A 242 -3.93 -9.75 -6.09
CA VAL A 242 -4.59 -8.80 -6.86
C VAL A 242 -3.65 -8.31 -7.93
N TYR A 243 -4.18 -8.45 -9.14
CA TYR A 243 -3.46 -8.10 -10.38
C TYR A 243 -4.03 -6.75 -10.90
N PRO A 244 -3.21 -5.96 -11.62
CA PRO A 244 -1.80 -6.24 -12.03
C PRO A 244 -0.67 -5.98 -11.08
N PHE A 245 -0.94 -5.45 -9.90
CA PHE A 245 0.17 -5.31 -8.94
C PHE A 245 0.99 -6.54 -8.70
N ALA A 246 0.34 -7.66 -8.51
CA ALA A 246 1.01 -8.81 -8.11
C ALA A 246 1.88 -9.41 -9.26
N SER A 247 1.86 -8.84 -10.44
CA SER A 247 2.82 -9.30 -11.49
C SER A 247 4.14 -8.65 -11.19
N LEU A 248 4.23 -7.68 -10.28
CA LEU A 248 5.56 -7.08 -10.12
C LEU A 248 6.69 -8.00 -9.63
N PRO A 249 6.53 -8.77 -8.55
CA PRO A 249 7.72 -9.47 -8.04
C PRO A 249 8.32 -10.43 -9.13
N GLU A 250 7.49 -11.02 -9.98
CA GLU A 250 8.02 -11.88 -11.05
C GLU A 250 8.83 -11.17 -12.07
N GLU A 251 8.57 -9.88 -12.23
CA GLU A 251 9.31 -8.97 -13.15
C GLU A 251 10.56 -8.31 -12.53
N ILE A 252 10.90 -8.59 -11.29
CA ILE A 252 12.17 -8.16 -10.70
C ILE A 252 13.33 -8.89 -11.38
N PRO A 253 14.48 -8.22 -11.73
CA PRO A 253 15.56 -8.93 -12.43
C PRO A 253 16.06 -10.12 -11.65
N ARG A 254 16.37 -11.16 -12.41
CA ARG A 254 16.93 -12.39 -11.91
C ARG A 254 18.12 -12.20 -10.91
N LYS A 255 18.99 -11.26 -11.24
CA LYS A 255 20.12 -10.90 -10.42
C LYS A 255 19.92 -9.80 -9.44
N VAL A 256 18.67 -9.31 -9.24
CA VAL A 256 18.42 -8.31 -8.12
C VAL A 256 17.82 -9.08 -6.94
N LYS A 257 18.49 -9.03 -5.83
CA LYS A 257 18.03 -9.68 -4.60
C LYS A 257 16.58 -9.24 -4.21
N ARG A 258 15.71 -10.24 -3.98
CA ARG A 258 14.35 -10.09 -3.43
C ARG A 258 14.23 -10.54 -1.99
N VAL A 259 13.67 -9.70 -1.07
CA VAL A 259 13.19 -10.02 0.30
C VAL A 259 11.59 -9.94 0.42
N LEU A 260 11.06 -10.90 1.18
CA LEU A 260 9.59 -11.02 1.58
C LEU A 260 9.54 -11.00 3.02
N CYS A 261 8.90 -9.97 3.62
CA CYS A 261 8.49 -9.91 4.98
C CYS A 261 6.96 -10.06 4.99
N ASN A 262 6.49 -11.21 5.36
CA ASN A 262 5.04 -11.59 5.27
C ASN A 262 4.79 -12.72 6.21
N LEU A 263 3.65 -12.69 6.93
CA LEU A 263 3.28 -13.88 7.71
C LEU A 263 3.34 -15.15 6.93
N GLU A 264 3.04 -15.17 5.66
CA GLU A 264 3.09 -16.44 4.95
C GLU A 264 3.89 -16.25 3.69
N THR A 265 4.56 -17.33 3.21
CA THR A 265 5.07 -17.41 1.79
C THR A 265 3.95 -17.42 0.69
N VAL A 266 4.00 -16.47 -0.26
CA VAL A 266 2.90 -16.15 -1.22
C VAL A 266 3.52 -15.81 -2.60
N GLY A 267 2.70 -15.90 -3.61
CA GLY A 267 2.93 -15.28 -4.90
C GLY A 267 4.03 -16.07 -5.60
N ASP A 268 4.90 -15.29 -6.21
CA ASP A 268 5.98 -15.77 -6.98
C ASP A 268 6.99 -16.29 -6.03
N PHE A 269 6.99 -15.91 -4.72
CA PHE A 269 8.04 -16.44 -3.79
C PHE A 269 7.69 -17.88 -3.37
N LYS A 270 6.43 -18.34 -3.59
CA LYS A 270 6.04 -19.75 -3.30
C LYS A 270 6.04 -20.54 -4.63
N ALA A 271 5.64 -19.90 -5.73
CA ALA A 271 5.58 -20.59 -7.04
C ALA A 271 6.97 -20.94 -7.64
N ASN A 272 7.84 -19.97 -7.64
CA ASN A 272 9.01 -19.95 -8.47
C ASN A 272 10.14 -19.36 -7.70
N LYS A 273 10.51 -19.99 -6.63
CA LYS A 273 11.49 -19.43 -5.72
C LYS A 273 12.93 -19.42 -6.27
N ARG A 274 13.70 -18.45 -5.81
CA ARG A 274 15.01 -18.15 -6.36
C ARG A 274 16.07 -18.35 -5.25
N PRO A 275 17.18 -18.98 -5.58
CA PRO A 275 18.28 -19.19 -4.66
C PRO A 275 18.64 -18.02 -3.74
N THR A 276 18.71 -16.79 -4.25
CA THR A 276 19.01 -15.59 -3.40
C THR A 276 17.74 -14.91 -2.65
N ASP A 277 16.49 -15.32 -2.99
CA ASP A 277 15.25 -14.96 -2.19
C ASP A 277 15.42 -15.08 -0.71
N LEU A 278 15.13 -14.02 0.03
CA LEU A 278 15.17 -14.17 1.45
C LEU A 278 13.73 -14.05 2.05
N ILE A 279 13.20 -15.10 2.68
CA ILE A 279 11.88 -15.10 3.31
C ILE A 279 12.01 -14.84 4.83
N VAL A 280 11.40 -13.73 5.35
CA VAL A 280 11.28 -13.42 6.72
C VAL A 280 9.76 -13.43 7.17
N HIS A 281 9.41 -14.49 7.89
CA HIS A 281 8.03 -14.64 8.47
C HIS A 281 7.90 -13.76 9.73
N GLN A 282 7.41 -12.49 9.64
CA GLN A 282 7.54 -11.59 10.80
C GLN A 282 6.49 -10.43 10.54
N TYR A 283 6.01 -9.85 11.67
CA TYR A 283 5.04 -8.71 11.63
C TYR A 283 5.76 -7.53 11.14
N SER A 284 5.17 -6.79 10.28
CA SER A 284 5.90 -5.65 9.66
C SER A 284 6.48 -4.67 10.65
N ASP A 285 5.82 -4.46 11.87
CA ASP A 285 6.31 -3.52 12.80
C ASP A 285 7.62 -4.02 13.58
N GLU A 286 7.58 -5.27 13.80
CA GLU A 286 8.69 -6.02 14.50
C GLU A 286 9.94 -6.03 13.51
N PHE A 287 9.70 -6.41 12.24
CA PHE A 287 10.68 -6.22 11.04
C PHE A 287 11.32 -4.86 11.04
N ALA A 288 10.54 -3.82 11.23
CA ALA A 288 11.00 -2.42 11.26
C ALA A 288 11.97 -2.13 12.45
N GLU A 289 11.56 -2.53 13.61
CA GLU A 289 12.38 -2.39 14.80
C GLU A 289 13.74 -3.18 14.75
N GLN A 290 13.74 -4.38 14.17
CA GLN A 290 14.90 -5.33 14.07
C GLN A 290 15.80 -4.68 13.02
N LEU A 291 15.23 -4.19 11.90
CA LEU A 291 16.07 -3.58 10.84
C LEU A 291 16.78 -2.37 11.25
N VAL A 292 16.13 -1.49 11.94
CA VAL A 292 16.64 -0.21 12.43
C VAL A 292 17.81 -0.42 13.46
N GLU A 293 17.63 -1.43 14.31
CA GLU A 293 18.68 -1.93 15.25
C GLU A 293 19.84 -2.56 14.41
N GLU A 294 19.55 -3.44 13.48
CA GLU A 294 20.65 -4.05 12.76
C GLU A 294 21.36 -3.04 11.84
N LEU A 295 20.72 -1.89 11.51
CA LEU A 295 21.35 -0.80 10.76
C LEU A 295 22.18 0.19 11.56
N GLY A 296 21.97 0.26 12.88
CA GLY A 296 22.54 1.32 13.71
C GLY A 296 21.77 2.62 13.72
N TRP A 297 20.57 2.70 13.14
CA TRP A 297 19.87 4.00 13.07
C TRP A 297 18.86 4.29 14.28
N GLN A 298 19.11 3.64 15.43
CA GLN A 298 18.23 3.73 16.61
C GLN A 298 17.95 5.16 16.95
N GLU A 299 19.02 5.98 16.95
CA GLU A 299 18.89 7.37 17.39
C GLU A 299 17.96 8.27 16.51
N ASP A 300 18.18 8.37 15.19
CA ASP A 300 17.33 9.18 14.24
C ASP A 300 15.85 8.65 14.14
N PHE A 301 15.70 7.32 14.28
CA PHE A 301 14.37 6.65 14.40
C PHE A 301 13.59 7.11 15.64
N GLU A 302 14.14 6.81 16.83
CA GLU A 302 13.59 7.33 18.08
C GLU A 302 13.13 8.80 17.93
N LYS A 303 13.89 9.65 17.27
CA LYS A 303 13.52 11.03 17.20
C LYS A 303 12.35 11.25 16.23
N ILE A 304 12.36 10.60 15.08
CA ILE A 304 11.15 10.62 14.23
C ILE A 304 9.86 10.15 15.01
N LEU A 305 9.97 9.09 15.80
CA LEU A 305 8.84 8.54 16.56
C LEU A 305 8.21 9.62 17.49
N THR A 306 9.04 10.44 18.20
CA THR A 306 8.52 11.31 19.23
C THR A 306 8.20 12.70 18.68
N ALA A 307 8.11 12.94 17.40
CA ALA A 307 7.69 14.27 16.94
C ALA A 307 6.17 14.35 16.82
N LYS B 1 -0.06 -2.25 -20.28
CA LYS B 1 -0.34 -1.63 -18.97
C LYS B 1 -0.46 -2.71 -17.91
N GLY B 2 -1.08 -3.83 -18.29
CA GLY B 2 -1.23 -4.94 -17.37
C GLY B 2 -2.67 -5.43 -17.22
N GLY B 3 -3.62 -4.63 -17.68
CA GLY B 3 -5.01 -5.00 -17.57
C GLY B 3 -5.71 -4.33 -16.40
N ALA B 4 -6.97 -4.66 -16.19
CA ALA B 4 -7.74 -4.07 -15.10
C ALA B 4 -7.59 -4.79 -13.77
OH ALY B 5 -8.83 -2.99 -3.75
CH ALY B 5 -9.17 -1.91 -4.39
CH3 ALY B 5 -9.71 -0.71 -3.66
NZ ALY B 5 -9.05 -1.79 -5.80
CE ALY B 5 -8.50 -2.99 -6.48
CD ALY B 5 -8.29 -2.68 -7.97
CG ALY B 5 -8.06 -3.92 -8.83
CB ALY B 5 -8.12 -3.51 -10.30
CA ALY B 5 -7.72 -4.56 -11.33
N ALY B 5 -7.78 -4.04 -12.69
C ALY B 5 -8.53 -5.85 -11.18
O ALY B 5 -9.76 -5.83 -11.32
N ARG B 6 -7.87 -6.96 -10.89
CA ARG B 6 -8.55 -8.24 -10.79
C ARG B 6 -7.85 -9.25 -9.88
N HIS B 7 -8.48 -10.42 -9.75
CA HIS B 7 -7.94 -11.49 -8.94
C HIS B 7 -7.34 -12.54 -9.88
ZN ZN C . -19.77 14.90 -15.94
PA CNA D . -4.44 -8.99 1.89
O1A CNA D . -5.38 -8.68 2.98
O2A CNA D . -5.04 -9.89 0.89
O5B CNA D . -3.19 -9.64 2.45
C5B CNA D . -2.27 -9.11 3.50
C4B CNA D . -1.15 -10.10 3.74
O4B CNA D . -0.23 -9.63 4.74
C3B CNA D . -1.58 -11.42 4.25
O3B CNA D . -1.07 -12.28 3.18
C2B CNA D . -0.91 -11.70 5.54
O2B CNA D . -0.19 -12.96 5.69
C1B CNA D . -0.07 -10.55 5.79
N9A CNA D . -0.25 -9.74 7.05
C8A CNA D . -1.34 -9.31 7.84
N7A CNA D . -0.91 -8.56 8.93
C5A CNA D . 0.49 -8.50 8.82
C6A CNA D . 1.62 -7.89 9.59
N6A CNA D . 1.45 -7.18 10.69
N1A CNA D . 3.03 -8.06 9.14
C2A CNA D . 3.35 -8.82 7.94
N3A CNA D . 2.34 -9.43 7.16
C4A CNA D . 0.93 -9.24 7.65
O3 CNA D . -4.20 -7.71 1.18
PN CNA D . -3.47 -7.07 0.06
O1N CNA D . -2.64 -8.09 -0.63
O2N CNA D . -2.47 -6.11 0.31
O5D CNA D . -4.52 -7.30 -1.00
C5D CNA D . -4.85 -5.93 -1.47
C4D CNA D . -6.14 -5.37 -0.99
C4' CNA D . -6.43 -5.29 0.39
C3D CNA D . -7.15 -4.87 -1.77
O3D CNA D . -8.09 -5.58 -2.69
C2D CNA D . -7.90 -3.98 -0.77
O2D CNA D . -9.12 -3.73 -1.24
C1D CNA D . -7.67 -4.71 0.56
N1N CNA D . -7.50 -3.79 1.72
C2N CNA D . -6.75 -2.48 1.72
C3N CNA D . -6.70 -1.75 2.98
C7N CNA D . -6.01 -0.43 3.14
O7N CNA D . -6.08 0.42 2.01
N7N CNA D . -5.34 -0.08 4.36
C4N CNA D . -7.36 -2.30 4.20
C5N CNA D . -8.08 -3.59 4.15
C6N CNA D . -8.20 -4.41 2.94
C1 GOL E . 2.73 -3.70 -14.98
O1 GOL E . 2.77 -2.39 -15.48
C2 GOL E . 3.43 -4.72 -15.63
O2 GOL E . 4.71 -4.38 -15.84
C3 GOL E . 2.53 -5.54 -15.72
O3 GOL E . 2.29 -6.90 -16.25
C1 GOL F . -15.94 -1.16 14.64
O1 GOL F . -16.13 0.15 15.16
C2 GOL F . -15.11 -2.07 15.30
O2 GOL F . -15.56 -2.34 16.53
C3 GOL F . -14.29 -2.24 14.41
O3 GOL F . -13.06 -3.00 14.14
C1 GOL G . -14.87 11.31 7.69
O1 GOL G . -14.42 10.19 8.39
C2 GOL G . -15.40 12.41 8.39
O2 GOL G . -14.41 13.20 8.83
C3 GOL G . -16.59 12.14 8.29
O3 GOL G . -17.90 12.68 8.68
C1 GOL H . 20.64 5.82 -8.07
O1 GOL H . 22.02 5.66 -7.94
C2 GOL H . 20.03 7.03 -7.78
O2 GOL H . 20.90 7.91 -7.27
C3 GOL H . 18.90 6.74 -8.11
O3 GOL H . 17.55 7.35 -8.18
#